data_7HB8
#
_entry.id   7HB8
#
_cell.length_a   68.190
_cell.length_b   90.180
_cell.length_c   98.680
_cell.angle_alpha   90.000
_cell.angle_beta   90.000
_cell.angle_gamma   90.000
#
_symmetry.space_group_name_H-M   'I 2 2 2'
#
loop_
_entity.id
_entity.type
_entity.pdbx_description
1 polymer 'Heat shock protein HSP 90-alpha'
2 non-polymer N-[(1R,2R,4S)-bicyclo[2.2.1]hept-5-en-2-yl]-N-methylthiophene-2-carboxamide
3 water water
#
_entity_poly.entity_id   1
_entity_poly.type   'polypeptide(L)'
_entity_poly.pdbx_seq_one_letter_code
;MDQPMEEEEVETFAFQAEIAQLMSLIINTFYSNKEIFLRELISNSSDALDKIRYESLTDPSKLDSGKELHINLIPNKQDR
TLTIVDTGIGMTKADLINNLGTIAKSGTKAFMEALQAGADISMIGQFGVGFYSAYLVAEKVTVITKHNDDEQYAWESSAG
GSFTVRTDTGEPMGRGTKVILHLKEDQTEYLEERRIKEIVKKHSQFIGYPITLFVEKERDKEVSDDEAELEHHHHHH
;
_entity_poly.pdbx_strand_id   A
#
loop_
_chem_comp.id
_chem_comp.type
_chem_comp.name
_chem_comp.formula
A1AXS non-polymer N-[(1R,2R,4S)-bicyclo[2.2.1]hept-5-en-2-yl]-N-methylthiophene-2-carboxamide 'C13 H15 N O S'
#
# COMPACT_ATOMS: atom_id res chain seq x y z
N GLU A 9 -8.25 -15.25 15.91
CA GLU A 9 -6.93 -15.15 16.51
C GLU A 9 -6.13 -14.03 15.87
N VAL A 10 -5.85 -12.99 16.64
CA VAL A 10 -5.11 -11.81 16.17
C VAL A 10 -3.76 -11.79 16.87
N GLU A 11 -2.69 -11.67 16.10
CA GLU A 11 -1.37 -11.49 16.69
C GLU A 11 -0.96 -10.04 16.59
N THR A 12 -0.37 -9.52 17.66
CA THR A 12 0.06 -8.13 17.69
C THR A 12 1.59 -8.06 17.75
N PHE A 13 2.18 -7.19 16.95
CA PHE A 13 3.63 -7.11 16.79
C PHE A 13 4.05 -5.66 16.97
N ALA A 14 5.26 -5.47 17.49
CA ALA A 14 5.88 -4.14 17.49
C ALA A 14 6.55 -3.87 16.15
N PHE A 15 6.40 -2.66 15.62
CA PHE A 15 7.24 -2.29 14.49
C PHE A 15 8.71 -2.27 14.94
N GLN A 16 9.62 -2.56 14.03
CA GLN A 16 11.01 -2.17 14.31
C GLN A 16 11.08 -0.69 14.67
N ALA A 17 12.04 -0.34 15.54
CA ALA A 17 12.08 1.02 16.09
C ALA A 17 12.24 2.06 14.98
N GLU A 18 13.05 1.76 13.96
CA GLU A 18 13.27 2.71 12.87
C GLU A 18 12.00 2.98 12.10
N ILE A 19 11.19 1.94 11.89
CA ILE A 19 9.96 2.10 11.11
C ILE A 19 8.94 2.87 11.93
N ALA A 20 8.85 2.57 13.23
CA ALA A 20 7.98 3.37 14.11
C ALA A 20 8.40 4.84 14.10
N GLN A 21 9.71 5.13 14.12
CA GLN A 21 10.14 6.52 14.02
C GLN A 21 9.75 7.13 12.69
N LEU A 22 9.87 6.35 11.62
CA LEU A 22 9.48 6.85 10.30
C LEU A 22 7.99 7.15 10.26
N MET A 23 7.15 6.25 10.80
CA MET A 23 5.73 6.56 10.70
C MET A 23 5.37 7.75 11.57
N SER A 24 6.05 7.95 12.69
CA SER A 24 5.72 9.11 13.51
C SER A 24 6.16 10.40 12.80
N LEU A 25 7.30 10.35 12.08
CA LEU A 25 7.72 11.53 11.32
C LEU A 25 6.70 11.83 10.22
N ILE A 26 6.16 10.80 9.57
CA ILE A 26 5.19 11.00 8.49
C ILE A 26 3.88 11.58 9.03
N ILE A 27 3.48 11.13 10.21
CA ILE A 27 2.23 11.60 10.80
C ILE A 27 2.37 12.99 11.39
N ASN A 28 3.52 13.29 11.99
CA ASN A 28 3.66 14.55 12.72
C ASN A 28 4.27 15.70 11.93
N THR A 29 4.95 15.45 10.82
CA THR A 29 5.60 16.55 10.10
C THR A 29 4.56 17.36 9.31
N PHE A 30 4.68 18.67 9.36
CA PHE A 30 3.82 19.48 8.51
C PHE A 30 4.33 19.41 7.07
N TYR A 31 3.46 18.96 6.17
CA TYR A 31 3.86 18.70 4.79
C TYR A 31 2.59 18.67 3.96
N SER A 32 2.35 19.72 3.16
CA SER A 32 1.07 19.85 2.49
C SER A 32 0.88 18.95 1.27
N ASN A 33 1.97 18.48 0.65
CA ASN A 33 1.90 17.75 -0.63
C ASN A 33 1.56 16.26 -0.40
N LYS A 34 0.41 16.05 0.24
CA LYS A 34 0.05 14.70 0.68
C LYS A 34 -0.31 13.76 -0.46
N GLU A 35 -0.64 14.29 -1.64
CA GLU A 35 -1.19 13.45 -2.70
C GLU A 35 -0.22 12.40 -3.20
N ILE A 36 1.08 12.55 -2.92
CA ILE A 36 2.07 11.58 -3.40
C ILE A 36 1.85 10.20 -2.80
N PHE A 37 1.00 10.07 -1.78
CA PHE A 37 0.76 8.73 -1.25
C PHE A 37 0.23 7.81 -2.34
N LEU A 38 -0.59 8.33 -3.25
CA LEU A 38 -1.26 7.46 -4.22
C LEU A 38 -0.27 6.91 -5.24
N ARG A 39 0.64 7.77 -5.71
CA ARG A 39 1.74 7.35 -6.57
C ARG A 39 2.55 6.23 -5.94
N GLU A 40 2.82 6.31 -4.63
CA GLU A 40 3.66 5.29 -4.00
C GLU A 40 2.94 3.96 -3.95
N LEU A 41 1.63 3.98 -3.62
CA LEU A 41 0.91 2.72 -3.51
C LEU A 41 0.69 2.10 -4.89
N ILE A 42 0.40 2.93 -5.89
CA ILE A 42 0.29 2.41 -7.25
C ILE A 42 1.64 1.86 -7.72
N SER A 43 2.73 2.54 -7.37
CA SER A 43 4.04 2.02 -7.73
C SER A 43 4.27 0.65 -7.09
N ASN A 44 3.87 0.48 -5.82
CA ASN A 44 3.98 -0.82 -5.16
C ASN A 44 3.15 -1.87 -5.88
N SER A 45 1.93 -1.51 -6.29
CA SER A 45 1.08 -2.48 -6.98
C SER A 45 1.71 -2.87 -8.31
N SER A 46 2.24 -1.90 -9.03
CA SER A 46 2.89 -2.19 -10.29
C SER A 46 4.07 -3.16 -10.09
N ASP A 47 4.87 -2.94 -9.03
CA ASP A 47 5.99 -3.86 -8.80
C ASP A 47 5.47 -5.28 -8.56
N ALA A 48 4.37 -5.39 -7.80
CA ALA A 48 3.81 -6.71 -7.48
C ALA A 48 3.28 -7.40 -8.73
N LEU A 49 2.68 -6.62 -9.61
CA LEU A 49 2.20 -7.14 -10.89
C LEU A 49 3.38 -7.57 -11.78
N ASP A 50 4.43 -6.75 -11.84
CA ASP A 50 5.66 -7.13 -12.54
C ASP A 50 6.15 -8.50 -12.06
N LYS A 51 6.09 -8.72 -10.75
CA LYS A 51 6.68 -9.94 -10.19
C LYS A 51 5.90 -11.17 -10.60
N ILE A 52 4.57 -11.13 -10.51
CA ILE A 52 3.80 -12.31 -10.91
C ILE A 52 3.84 -12.48 -12.43
N ARG A 53 3.87 -11.38 -13.20
CA ARG A 53 4.03 -11.52 -14.65
C ARG A 53 5.32 -12.26 -15.01
N TYR A 54 6.44 -11.88 -14.38
CA TYR A 54 7.71 -12.54 -14.69
C TYR A 54 7.68 -14.00 -14.29
N GLU A 55 7.20 -14.29 -13.07
CA GLU A 55 7.21 -15.67 -12.60
C GLU A 55 6.33 -16.55 -13.47
N SER A 56 5.24 -15.99 -13.99
CA SER A 56 4.32 -16.81 -14.79
C SER A 56 4.91 -17.16 -16.15
N LEU A 57 5.98 -16.48 -16.57
CA LEU A 57 6.63 -16.86 -17.84
C LEU A 57 7.27 -18.24 -17.74
N THR A 58 7.83 -18.58 -16.58
CA THR A 58 8.44 -19.89 -16.46
C THR A 58 7.56 -20.91 -15.76
N ASP A 59 6.45 -20.48 -15.15
CA ASP A 59 5.48 -21.41 -14.55
C ASP A 59 4.10 -20.83 -14.76
N PRO A 60 3.47 -21.10 -15.91
CA PRO A 60 2.16 -20.50 -16.22
C PRO A 60 1.10 -20.83 -15.17
N SER A 61 1.27 -21.92 -14.44
CA SER A 61 0.29 -22.31 -13.44
C SER A 61 0.16 -21.28 -12.31
N LYS A 62 1.15 -20.40 -12.13
CA LYS A 62 1.04 -19.32 -11.15
C LYS A 62 -0.11 -18.36 -11.43
N LEU A 63 -0.66 -18.36 -12.64
CA LEU A 63 -1.83 -17.53 -12.94
C LEU A 63 -3.15 -18.29 -12.77
N ASP A 64 -3.10 -19.51 -12.24
CA ASP A 64 -4.34 -20.26 -12.01
C ASP A 64 -5.26 -19.53 -11.04
N SER A 65 -4.69 -18.73 -10.15
CA SER A 65 -5.43 -17.91 -9.19
C SER A 65 -5.90 -16.57 -9.77
N GLY A 66 -5.78 -16.38 -11.08
CA GLY A 66 -6.30 -15.19 -11.71
C GLY A 66 -5.38 -14.71 -12.82
N LYS A 67 -5.89 -14.65 -14.04
CA LYS A 67 -5.03 -14.29 -15.18
C LYS A 67 -4.94 -12.77 -15.37
N GLU A 68 -5.91 -12.00 -14.90
CA GLU A 68 -5.91 -10.58 -15.18
C GLU A 68 -4.95 -9.85 -14.26
N LEU A 69 -4.17 -8.93 -14.83
CA LEU A 69 -3.17 -8.16 -14.12
C LEU A 69 -3.62 -6.69 -14.18
N HIS A 70 -4.13 -6.18 -13.06
CA HIS A 70 -4.71 -4.84 -13.09
C HIS A 70 -4.68 -4.22 -11.71
N ILE A 71 -5.05 -2.92 -11.68
CA ILE A 71 -5.15 -2.11 -10.48
C ILE A 71 -6.51 -1.41 -10.46
N ASN A 72 -7.23 -1.53 -9.34
CA ASN A 72 -8.50 -0.84 -9.18
C ASN A 72 -8.42 0.16 -8.04
N LEU A 73 -8.96 1.36 -8.25
CA LEU A 73 -9.06 2.40 -7.23
C LEU A 73 -10.53 2.53 -6.84
N ILE A 74 -10.85 2.31 -5.57
CA ILE A 74 -12.23 2.22 -5.11
C ILE A 74 -12.48 3.16 -3.94
N PRO A 75 -12.93 4.38 -4.19
CA PRO A 75 -13.31 5.26 -3.09
C PRO A 75 -14.68 4.89 -2.54
N ASN A 76 -14.86 5.13 -1.25
CA ASN A 76 -16.13 4.85 -0.57
C ASN A 76 -16.40 5.99 0.40
N LYS A 77 -17.29 6.90 0.03
CA LYS A 77 -17.56 8.05 0.89
C LYS A 77 -18.29 7.65 2.16
N GLN A 78 -19.10 6.59 2.12
CA GLN A 78 -19.84 6.17 3.32
C GLN A 78 -18.91 5.64 4.40
N ASP A 79 -18.00 4.74 4.03
CA ASP A 79 -17.01 4.22 4.98
C ASP A 79 -15.80 5.13 5.13
N ARG A 80 -15.70 6.17 4.29
CA ARG A 80 -14.54 7.05 4.27
C ARG A 80 -13.26 6.25 4.04
N THR A 81 -13.28 5.40 3.03
CA THR A 81 -12.11 4.59 2.71
C THR A 81 -11.77 4.75 1.24
N LEU A 82 -10.48 4.65 0.97
CA LEU A 82 -9.97 4.54 -0.39
C LEU A 82 -9.19 3.23 -0.48
N THR A 83 -9.60 2.36 -1.38
CA THR A 83 -9.01 1.05 -1.52
C THR A 83 -8.23 0.96 -2.82
N ILE A 84 -7.00 0.46 -2.74
CA ILE A 84 -6.16 0.23 -3.90
C ILE A 84 -5.98 -1.28 -4.01
N VAL A 85 -6.52 -1.87 -5.08
CA VAL A 85 -6.51 -3.33 -5.24
C VAL A 85 -5.65 -3.66 -6.44
N ASP A 86 -4.76 -4.66 -6.29
CA ASP A 86 -4.00 -5.14 -7.45
C ASP A 86 -4.11 -6.67 -7.45
N THR A 87 -3.90 -7.26 -8.61
CA THR A 87 -3.81 -8.71 -8.74
C THR A 87 -2.37 -9.17 -8.89
N GLY A 88 -1.45 -8.57 -8.13
CA GLY A 88 -0.04 -8.90 -8.25
C GLY A 88 0.29 -10.17 -7.51
N ILE A 89 1.57 -10.34 -7.18
CA ILE A 89 2.03 -11.58 -6.55
C ILE A 89 1.54 -11.80 -5.12
N GLY A 90 1.12 -10.75 -4.40
CA GLY A 90 0.65 -10.96 -3.05
C GLY A 90 1.81 -11.08 -2.08
N MET A 91 1.47 -11.28 -0.82
CA MET A 91 2.44 -11.26 0.26
C MET A 91 2.18 -12.43 1.18
N THR A 92 3.25 -13.12 1.56
CA THR A 92 3.09 -14.22 2.49
C THR A 92 2.99 -13.72 3.93
N LYS A 93 2.63 -14.60 4.84
CA LYS A 93 2.65 -14.23 6.25
C LYS A 93 4.03 -13.72 6.68
N ALA A 94 5.10 -14.39 6.26
CA ALA A 94 6.44 -13.96 6.65
C ALA A 94 6.81 -12.61 6.04
N ASP A 95 6.33 -12.34 4.82
CA ASP A 95 6.49 -10.99 4.26
C ASP A 95 5.92 -9.95 5.19
N LEU A 96 4.66 -10.17 5.64
CA LEU A 96 3.93 -9.22 6.46
C LEU A 96 4.59 -9.02 7.81
N ILE A 97 5.06 -10.09 8.42
CA ILE A 97 5.53 -9.99 9.80
C ILE A 97 6.99 -9.59 9.87
N ASN A 98 7.82 -10.08 8.95
CA ASN A 98 9.26 -9.89 9.11
C ASN A 98 10.00 -9.45 7.84
N ASN A 99 9.77 -10.09 6.69
CA ASN A 99 10.67 -9.89 5.54
C ASN A 99 10.68 -8.45 5.06
N LEU A 100 9.51 -7.90 4.75
CA LEU A 100 9.46 -6.59 4.11
C LEU A 100 9.88 -5.48 5.08
N GLY A 101 9.59 -5.65 6.37
CA GLY A 101 10.03 -4.69 7.37
C GLY A 101 11.54 -4.75 7.57
N THR A 102 12.12 -5.95 7.56
CA THR A 102 13.56 -6.07 7.62
C THR A 102 14.22 -5.34 6.46
N ILE A 103 13.71 -5.55 5.24
CA ILE A 103 14.24 -4.83 4.08
C ILE A 103 14.07 -3.33 4.26
N ALA A 104 12.96 -2.91 4.84
CA ALA A 104 12.65 -1.48 4.96
C ALA A 104 13.56 -0.77 5.97
N LYS A 105 14.28 -1.52 6.81
CA LYS A 105 15.10 -0.89 7.84
C LYS A 105 16.20 -0.03 7.20
N SER A 106 16.90 -0.55 6.18
CA SER A 106 18.00 0.22 5.62
C SER A 106 17.48 1.44 4.86
N GLY A 107 16.40 1.26 4.10
CA GLY A 107 15.82 2.36 3.37
C GLY A 107 15.27 3.43 4.29
N THR A 108 14.67 3.03 5.42
CA THR A 108 14.20 3.99 6.40
C THR A 108 15.34 4.83 6.95
N LYS A 109 16.44 4.18 7.36
CA LYS A 109 17.60 4.89 7.86
C LYS A 109 18.16 5.84 6.82
N ALA A 110 18.21 5.44 5.56
CA ALA A 110 18.74 6.31 4.52
C ALA A 110 17.82 7.50 4.27
N PHE A 111 16.51 7.25 4.24
CA PHE A 111 15.54 8.31 4.00
C PHE A 111 15.59 9.35 5.12
N MET A 112 15.64 8.91 6.37
CA MET A 112 15.73 9.86 7.47
C MET A 112 17.03 10.66 7.46
N GLU A 113 18.13 10.05 7.05
CA GLU A 113 19.36 10.82 6.89
C GLU A 113 19.18 11.87 5.79
N ALA A 114 18.56 11.48 4.68
CA ALA A 114 18.36 12.41 3.57
C ALA A 114 17.47 13.58 3.96
N LEU A 115 16.42 13.30 4.75
CA LEU A 115 15.51 14.35 5.21
C LEU A 115 16.26 15.39 6.03
N GLN A 116 17.24 14.95 6.83
CA GLN A 116 18.10 15.90 7.53
C GLN A 116 18.97 16.71 6.58
N ALA A 117 19.34 16.11 5.44
CA ALA A 117 20.23 16.75 4.49
C ALA A 117 19.48 17.62 3.48
N GLY A 118 18.17 17.81 3.64
CA GLY A 118 17.41 18.69 2.77
C GLY A 118 16.44 18.00 1.84
N ALA A 119 16.38 16.67 1.84
CA ALA A 119 15.37 15.97 1.06
C ALA A 119 13.99 16.27 1.61
N ASP A 120 12.97 15.83 0.89
CA ASP A 120 11.61 16.06 1.37
C ASP A 120 10.83 14.76 1.23
N ILE A 121 9.67 14.75 1.88
CA ILE A 121 8.86 13.54 2.03
C ILE A 121 8.50 12.96 0.66
N SER A 122 8.36 13.81 -0.37
CA SER A 122 7.97 13.31 -1.69
C SER A 122 9.00 12.34 -2.28
N MET A 123 10.21 12.29 -1.74
CA MET A 123 11.26 11.45 -2.28
C MET A 123 11.28 10.05 -1.66
N ILE A 124 10.26 9.74 -0.85
CA ILE A 124 10.28 8.53 -0.02
C ILE A 124 10.40 7.27 -0.88
N GLY A 125 9.86 7.29 -2.11
CA GLY A 125 9.90 6.10 -2.94
C GLY A 125 11.30 5.76 -3.43
N GLN A 126 12.19 6.75 -3.50
CA GLN A 126 13.55 6.42 -3.91
C GLN A 126 14.29 5.62 -2.86
N PHE A 127 13.69 5.39 -1.71
CA PHE A 127 14.26 4.60 -0.63
C PHE A 127 13.53 3.29 -0.39
N GLY A 128 12.54 2.97 -1.20
CA GLY A 128 11.84 1.71 -1.03
C GLY A 128 10.87 1.61 0.12
N VAL A 129 10.52 2.73 0.77
CA VAL A 129 9.61 2.66 1.90
C VAL A 129 8.38 3.53 1.63
N GLY A 130 8.01 3.66 0.34
CA GLY A 130 6.86 4.47 -0.04
C GLY A 130 5.54 4.04 0.59
N PHE A 131 5.39 2.76 0.95
CA PHE A 131 4.13 2.32 1.53
C PHE A 131 3.70 3.22 2.70
N TYR A 132 4.66 3.59 3.56
CA TYR A 132 4.33 4.28 4.79
C TYR A 132 3.82 5.70 4.55
N SER A 133 3.98 6.22 3.32
CA SER A 133 3.34 7.49 2.98
C SER A 133 1.82 7.40 3.03
N ALA A 134 1.24 6.18 3.07
CA ALA A 134 -0.19 6.03 3.34
C ALA A 134 -0.62 6.81 4.58
N TYR A 135 0.25 6.92 5.61
CA TYR A 135 -0.11 7.63 6.84
C TYR A 135 -0.07 9.15 6.70
N LEU A 136 0.21 9.66 5.50
CA LEU A 136 -0.04 11.08 5.23
C LEU A 136 -1.54 11.36 5.24
N VAL A 137 -2.34 10.42 4.72
CA VAL A 137 -3.77 10.65 4.59
C VAL A 137 -4.61 9.70 5.43
N ALA A 138 -4.08 8.60 5.94
CA ALA A 138 -4.90 7.58 6.60
C ALA A 138 -4.61 7.52 8.09
N GLU A 139 -5.67 7.39 8.91
CA GLU A 139 -5.49 7.15 10.34
C GLU A 139 -5.28 5.67 10.62
N LYS A 140 -5.68 4.80 9.71
CA LYS A 140 -5.53 3.37 9.89
C LYS A 140 -5.41 2.79 8.50
N VAL A 141 -4.57 1.78 8.35
CA VAL A 141 -4.42 1.11 7.07
C VAL A 141 -4.64 -0.37 7.28
N THR A 142 -5.52 -0.97 6.49
CA THR A 142 -5.73 -2.42 6.48
C THR A 142 -5.20 -2.96 5.16
N VAL A 143 -4.44 -4.05 5.21
CA VAL A 143 -3.90 -4.66 4.00
C VAL A 143 -4.37 -6.11 3.97
N ILE A 144 -5.13 -6.48 2.93
CA ILE A 144 -5.59 -7.86 2.72
C ILE A 144 -4.74 -8.42 1.58
N THR A 145 -4.19 -9.60 1.76
CA THR A 145 -3.26 -10.05 0.74
C THR A 145 -3.32 -11.56 0.65
N LYS A 146 -3.07 -12.07 -0.55
CA LYS A 146 -3.07 -13.51 -0.82
C LYS A 146 -1.95 -13.82 -1.79
N HIS A 147 -1.00 -14.64 -1.36
CA HIS A 147 0.09 -15.15 -2.19
C HIS A 147 -0.25 -16.59 -2.55
N ASN A 148 0.16 -17.03 -3.77
CA ASN A 148 -0.14 -18.39 -4.22
C ASN A 148 0.34 -19.45 -3.22
N ASP A 149 1.38 -19.14 -2.44
CA ASP A 149 1.99 -20.14 -1.56
C ASP A 149 1.50 -20.05 -0.11
N ASP A 150 0.52 -19.20 0.19
CA ASP A 150 0.11 -19.02 1.57
C ASP A 150 -1.40 -18.74 1.60
N GLU A 151 -1.94 -18.60 2.82
CA GLU A 151 -3.35 -18.28 3.01
C GLU A 151 -3.59 -16.78 2.88
N GLN A 152 -4.87 -16.40 2.96
CA GLN A 152 -5.21 -14.97 2.87
C GLN A 152 -5.10 -14.34 4.26
N TYR A 153 -4.38 -13.21 4.35
CA TYR A 153 -4.13 -12.55 5.61
C TYR A 153 -4.61 -11.11 5.60
N ALA A 154 -4.92 -10.61 6.81
CA ALA A 154 -5.18 -9.19 7.04
C ALA A 154 -4.11 -8.60 7.95
N TRP A 155 -3.39 -7.60 7.46
CA TRP A 155 -2.46 -6.78 8.25
C TRP A 155 -3.15 -5.46 8.54
N GLU A 156 -2.91 -4.88 9.71
CA GLU A 156 -3.57 -3.63 10.04
C GLU A 156 -2.72 -2.83 10.98
N SER A 157 -2.75 -1.50 10.82
CA SER A 157 -2.07 -0.67 11.81
C SER A 157 -2.66 0.73 11.82
N SER A 158 -2.80 1.26 13.03
CA SER A 158 -3.10 2.66 13.28
C SER A 158 -1.87 3.42 13.77
N ALA A 159 -0.69 2.92 13.43
CA ALA A 159 0.59 3.45 13.91
C ALA A 159 0.63 3.28 15.44
N GLY A 160 1.28 4.18 16.15
CA GLY A 160 1.40 3.96 17.57
C GLY A 160 2.40 2.90 17.96
N GLY A 161 3.16 2.37 17.00
CA GLY A 161 4.22 1.42 17.30
C GLY A 161 3.86 -0.05 17.15
N SER A 162 2.65 -0.38 16.74
CA SER A 162 2.26 -1.78 16.66
C SER A 162 1.41 -2.04 15.42
N PHE A 163 1.35 -3.30 15.03
CA PHE A 163 0.51 -3.72 13.92
C PHE A 163 -0.01 -5.10 14.28
N THR A 164 -1.09 -5.50 13.62
CA THR A 164 -1.68 -6.83 13.85
C THR A 164 -1.70 -7.63 12.55
N VAL A 165 -1.66 -8.95 12.68
CA VAL A 165 -1.83 -9.84 11.54
C VAL A 165 -2.80 -10.94 11.96
N ARG A 166 -3.79 -11.21 11.11
CA ARG A 166 -4.69 -12.34 11.34
C ARG A 166 -5.00 -13.01 10.02
N THR A 167 -5.42 -14.28 10.09
CA THR A 167 -6.02 -14.91 8.93
C THR A 167 -7.29 -14.16 8.56
N ASP A 168 -7.51 -13.93 7.27
CA ASP A 168 -8.67 -13.18 6.82
C ASP A 168 -9.85 -14.09 6.54
N THR A 169 -11.02 -13.69 7.05
CA THR A 169 -12.28 -14.41 6.86
C THR A 169 -13.22 -13.72 5.88
N GLY A 170 -12.83 -12.59 5.30
CA GLY A 170 -13.63 -11.91 4.28
C GLY A 170 -13.72 -12.65 2.95
N GLU A 171 -14.12 -11.94 1.90
CA GLU A 171 -14.25 -12.55 0.58
C GLU A 171 -12.88 -13.06 0.13
N PRO A 172 -12.79 -14.27 -0.42
CA PRO A 172 -11.54 -14.72 -1.04
C PRO A 172 -11.15 -13.80 -2.19
N MET A 173 -9.85 -13.48 -2.25
CA MET A 173 -9.26 -12.53 -3.17
C MET A 173 -8.69 -13.17 -4.43
N GLY A 174 -8.34 -14.44 -4.39
CA GLY A 174 -7.70 -15.09 -5.52
C GLY A 174 -6.19 -15.01 -5.42
N ARG A 175 -5.68 -13.79 -5.60
CA ARG A 175 -4.26 -13.50 -5.51
C ARG A 175 -4.10 -11.99 -5.63
N GLY A 176 -3.26 -11.41 -4.79
CA GLY A 176 -2.97 -9.99 -4.94
C GLY A 176 -3.01 -9.30 -3.60
N THR A 177 -3.14 -7.98 -3.64
CA THR A 177 -3.09 -7.16 -2.45
C THR A 177 -4.16 -6.09 -2.54
N LYS A 178 -4.85 -5.86 -1.43
CA LYS A 178 -5.82 -4.79 -1.28
C LYS A 178 -5.38 -3.91 -0.12
N VAL A 179 -5.13 -2.62 -0.41
CA VAL A 179 -4.77 -1.64 0.63
C VAL A 179 -5.98 -0.76 0.88
N ILE A 180 -6.50 -0.81 2.09
CA ILE A 180 -7.68 -0.05 2.49
C ILE A 180 -7.19 1.11 3.34
N LEU A 181 -7.32 2.34 2.82
CA LEU A 181 -6.93 3.55 3.55
C LEU A 181 -8.15 4.09 4.28
N HIS A 182 -8.14 4.05 5.61
CA HIS A 182 -9.17 4.67 6.44
C HIS A 182 -8.76 6.13 6.62
N LEU A 183 -9.40 7.03 5.87
CA LEU A 183 -8.86 8.37 5.70
C LEU A 183 -9.10 9.23 6.94
N LYS A 184 -8.15 10.11 7.22
CA LYS A 184 -8.33 11.13 8.24
C LYS A 184 -9.51 12.02 7.84
N GLU A 185 -10.14 12.64 8.85
CA GLU A 185 -11.35 13.41 8.61
C GLU A 185 -11.14 14.56 7.62
N ASP A 186 -9.97 15.19 7.61
CA ASP A 186 -9.75 16.31 6.70
C ASP A 186 -9.07 15.91 5.39
N GLN A 187 -9.03 14.62 5.05
CA GLN A 187 -8.40 14.18 3.83
C GLN A 187 -9.41 13.55 2.86
N THR A 188 -10.67 13.96 2.93
CA THR A 188 -11.68 13.29 2.11
C THR A 188 -11.70 13.76 0.66
N GLU A 189 -10.83 14.72 0.30
CA GLU A 189 -10.70 15.06 -1.12
C GLU A 189 -10.23 13.86 -1.93
N TYR A 190 -9.53 12.92 -1.30
CA TYR A 190 -9.02 11.76 -2.04
C TYR A 190 -10.09 10.70 -2.28
N LEU A 191 -11.33 11.00 -1.92
CA LEU A 191 -12.47 10.19 -2.32
C LEU A 191 -13.18 10.76 -3.55
N GLU A 192 -12.77 11.93 -4.04
CA GLU A 192 -13.48 12.59 -5.12
C GLU A 192 -12.91 12.11 -6.45
N GLU A 193 -13.80 11.77 -7.37
CA GLU A 193 -13.38 11.20 -8.65
C GLU A 193 -12.44 12.16 -9.39
N ARG A 194 -12.78 13.45 -9.45
CA ARG A 194 -11.94 14.33 -10.26
C ARG A 194 -10.58 14.53 -9.60
N ARG A 195 -10.51 14.45 -8.27
CA ARG A 195 -9.24 14.59 -7.58
C ARG A 195 -8.37 13.35 -7.82
N ILE A 196 -8.95 12.17 -7.76
CA ILE A 196 -8.16 10.97 -8.02
C ILE A 196 -7.68 10.95 -9.46
N LYS A 197 -8.55 11.30 -10.41
CA LYS A 197 -8.14 11.33 -11.80
C LYS A 197 -6.96 12.26 -11.97
N GLU A 198 -7.02 13.44 -11.35
CA GLU A 198 -5.95 14.41 -11.48
C GLU A 198 -4.62 13.85 -10.98
N ILE A 199 -4.66 13.14 -9.85
CA ILE A 199 -3.43 12.63 -9.24
C ILE A 199 -2.85 11.50 -10.08
N VAL A 200 -3.70 10.60 -10.58
CA VAL A 200 -3.20 9.51 -11.41
C VAL A 200 -2.56 10.05 -12.67
N LYS A 201 -3.25 10.97 -13.36
CA LYS A 201 -2.65 11.60 -14.55
C LYS A 201 -1.34 12.30 -14.24
N LYS A 202 -1.23 12.93 -13.07
CA LYS A 202 -0.02 13.72 -12.82
C LYS A 202 1.18 12.82 -12.48
N HIS A 203 0.95 11.77 -11.71
CA HIS A 203 2.05 11.00 -11.13
C HIS A 203 2.14 9.55 -11.61
N SER A 204 1.10 9.02 -12.23
CA SER A 204 1.07 7.59 -12.51
C SER A 204 0.66 7.32 -13.96
N GLN A 205 0.90 8.27 -14.87
CA GLN A 205 0.32 8.16 -16.20
C GLN A 205 0.95 7.07 -17.06
N PHE A 206 2.10 6.52 -16.70
CA PHE A 206 2.78 5.54 -17.54
C PHE A 206 2.86 4.16 -16.92
N ILE A 207 2.11 3.92 -15.85
CA ILE A 207 2.03 2.59 -15.26
C ILE A 207 1.52 1.58 -16.29
N GLY A 208 2.18 0.42 -16.34
CA GLY A 208 1.98 -0.49 -17.47
C GLY A 208 0.89 -1.52 -17.24
N TYR A 209 -0.11 -1.17 -16.44
CA TYR A 209 -1.24 -2.03 -16.15
C TYR A 209 -2.49 -1.15 -16.13
N PRO A 210 -3.64 -1.69 -16.53
CA PRO A 210 -4.87 -0.88 -16.49
C PRO A 210 -5.22 -0.48 -15.08
N ILE A 211 -5.49 0.80 -14.90
CA ILE A 211 -5.91 1.39 -13.63
C ILE A 211 -7.35 1.84 -13.80
N THR A 212 -8.26 1.20 -13.10
CA THR A 212 -9.68 1.52 -13.21
C THR A 212 -10.11 2.22 -11.95
N LEU A 213 -10.62 3.43 -12.10
CA LEU A 213 -11.14 4.20 -10.99
C LEU A 213 -12.65 3.94 -10.93
N PHE A 214 -13.10 3.24 -9.88
CA PHE A 214 -14.52 2.95 -9.70
C PHE A 214 -15.25 4.21 -9.28
N VAL A 215 -16.44 4.40 -9.78
CA VAL A 215 -17.26 5.54 -9.39
C VAL A 215 -18.28 5.07 -8.36
N GLU A 216 -18.73 5.96 -7.50
CA GLU A 216 -19.68 5.53 -6.49
C GLU A 216 -21.11 5.59 -6.97
N LYS A 217 -21.93 4.68 -6.43
CA LYS A 217 -23.30 4.55 -6.92
C LYS A 217 -24.24 5.61 -6.35
N GLU A 218 -23.99 6.09 -5.13
CA GLU A 218 -24.88 7.08 -4.52
C GLU A 218 -24.69 8.43 -5.22
C1 A1AXS B . 1.47 -3.50 2.64
C10 A1AXS B . 2.80 -4.64 5.94
C11 A1AXS B . 2.67 -3.39 5.55
C12 A1AXS B . 3.90 -3.03 4.75
C13 A1AXS B . 4.93 -3.87 5.50
C2 A1AXS B . 3.24 -3.49 0.99
C3 A1AXS B . 4.67 -3.34 0.56
C4 A1AXS B . 5.73 -2.66 1.25
C5 A1AXS B . 6.95 -2.77 0.49
C6 A1AXS B . 6.87 -3.44 -0.65
C7 A1AXS B . 3.90 -3.81 3.39
C8 A1AXS B . 3.77 -5.26 3.91
C9 A1AXS B . 4.11 -5.15 5.41
N1 A1AXS B . 2.91 -3.55 2.32
O1 A1AXS B . 2.38 -3.54 0.09
S1 A1AXS B . 5.25 -4.04 -0.92
#